data_9GYQ
#
_entry.id   9GYQ
#
_cell.length_a   78.011
_cell.length_b   46.467
_cell.length_c   63.839
_cell.angle_alpha   90.000
_cell.angle_beta   94.596
_cell.angle_gamma   90.000
#
_symmetry.space_group_name_H-M   'C 1 2 1'
#
loop_
_entity.id
_entity.type
_entity.pdbx_description
1 polymer 'Histidine triad nucleotide-binding protein 1'
2 non-polymer ~{N}-oxidanyl-4-phenanthridin-6-yl-benzamide
3 non-polymer 'SULFATE ION'
4 water water
#
_entity_poly.entity_id   1
_entity_poly.type   'polypeptide(L)'
_entity_poly.pdbx_seq_one_letter_code
;MADEIAKAQVARPGGDTIFGKIIRKEIPAKIIFEDDRCLAFHDISPQAPTHFLVIPKKHISQISVAEDDDESLLGHLMIV
GKKCAADLGLNKGYRMVVNEGSDGGQSVYHVHLHVLGGRQMHWPPG
;
_entity_poly.pdbx_strand_id   A,B
#
loop_
_chem_comp.id
_chem_comp.type
_chem_comp.name
_chem_comp.formula
A1IQV non-polymer ~{N}-oxidanyl-4-phenanthridin-6-yl-benzamide 'C20 H14 N2 O2'
SO4 non-polymer 'SULFATE ION' 'O4 S -2'
#
# COMPACT_ATOMS: atom_id res chain seq x y z
N ARG A 12 -13.39 22.59 -10.82
CA ARG A 12 -12.97 21.84 -9.60
C ARG A 12 -12.32 20.51 -9.99
N PRO A 13 -11.02 20.53 -10.38
CA PRO A 13 -10.12 19.37 -10.37
C PRO A 13 -9.74 18.81 -9.00
N GLY A 14 -9.48 17.49 -8.94
CA GLY A 14 -9.27 16.76 -7.69
C GLY A 14 -10.55 16.11 -7.17
N GLY A 15 -11.68 16.28 -7.88
CA GLY A 15 -12.98 15.74 -7.49
C GLY A 15 -13.66 16.51 -6.36
N ASP A 16 -14.90 16.13 -5.98
CA ASP A 16 -15.60 16.77 -4.87
C ASP A 16 -15.78 15.85 -3.67
N THR A 17 -15.05 14.71 -3.64
CA THR A 17 -14.96 13.97 -2.40
C THR A 17 -14.36 14.96 -1.44
N ILE A 18 -14.42 14.67 -0.15
CA ILE A 18 -13.74 15.48 0.85
C ILE A 18 -12.25 15.64 0.52
N PHE A 19 -11.63 14.66 -0.13
CA PHE A 19 -10.19 14.72 -0.39
C PHE A 19 -9.94 15.71 -1.51
N GLY A 20 -10.84 15.75 -2.48
CA GLY A 20 -10.76 16.77 -3.52
C GLY A 20 -10.83 18.20 -2.96
N LYS A 21 -11.75 18.42 -2.02
CA LYS A 21 -11.85 19.68 -1.30
C LYS A 21 -10.57 20.01 -0.53
N ILE A 22 -9.95 19.02 0.10
CA ILE A 22 -8.68 19.23 0.82
C ILE A 22 -7.59 19.64 -0.16
N ILE A 23 -7.49 18.96 -1.30
CA ILE A 23 -6.48 19.28 -2.30
C ILE A 23 -6.60 20.75 -2.73
N ARG A 24 -7.84 21.23 -2.90
CA ARG A 24 -8.05 22.62 -3.31
C ARG A 24 -8.10 23.61 -2.13
N LYS A 25 -7.83 23.15 -0.89
CA LYS A 25 -7.72 24.03 0.27
C LYS A 25 -9.08 24.65 0.60
N GLU A 26 -10.18 23.98 0.23
CA GLU A 26 -11.52 24.41 0.56
C GLU A 26 -11.90 23.92 1.96
N ILE A 27 -11.28 22.82 2.39
CA ILE A 27 -11.46 22.24 3.71
C ILE A 27 -10.08 22.08 4.34
N PRO A 28 -9.93 22.48 5.62
CA PRO A 28 -8.62 22.53 6.25
C PRO A 28 -8.08 21.13 6.52
N ALA A 29 -6.76 20.98 6.55
CA ALA A 29 -6.15 19.74 6.94
C ALA A 29 -4.75 20.05 7.45
N LYS A 30 -4.20 19.07 8.15
CA LYS A 30 -2.86 19.19 8.71
C LYS A 30 -1.89 18.55 7.72
N ILE A 31 -1.29 19.41 6.89
N ILE A 31 -1.31 19.42 6.87
CA ILE A 31 -0.52 18.96 5.73
CA ILE A 31 -0.49 19.00 5.73
C ILE A 31 0.93 18.75 6.14
C ILE A 31 0.92 18.71 6.21
N ILE A 32 1.48 17.60 5.74
CA ILE A 32 2.83 17.18 6.05
C ILE A 32 3.73 17.50 4.87
N PHE A 33 3.22 17.22 3.68
CA PHE A 33 4.03 17.30 2.49
C PHE A 33 3.11 17.53 1.31
N GLU A 34 3.60 18.28 0.32
CA GLU A 34 2.84 18.50 -0.90
C GLU A 34 3.80 18.66 -2.07
N ASP A 35 3.45 18.03 -3.20
CA ASP A 35 4.05 18.28 -4.50
C ASP A 35 2.98 18.36 -5.57
N ASP A 36 3.43 18.36 -6.83
CA ASP A 36 2.56 18.49 -7.98
C ASP A 36 1.72 17.23 -8.20
N ARG A 37 2.13 16.11 -7.60
N ARG A 37 2.12 16.09 -7.63
CA ARG A 37 1.49 14.83 -7.85
CA ARG A 37 1.41 14.85 -7.86
C ARG A 37 0.68 14.31 -6.64
C ARG A 37 0.59 14.38 -6.65
N CYS A 38 0.94 14.83 -5.43
CA CYS A 38 0.34 14.24 -4.24
C CYS A 38 0.35 15.18 -3.03
N LEU A 39 -0.35 14.71 -1.99
CA LEU A 39 -0.58 15.46 -0.76
C LEU A 39 -0.58 14.45 0.38
N ALA A 40 0.19 14.73 1.42
CA ALA A 40 0.18 13.94 2.64
C ALA A 40 -0.31 14.77 3.83
N PHE A 41 -1.26 14.23 4.57
CA PHE A 41 -1.87 14.96 5.65
C PHE A 41 -2.32 13.99 6.74
N HIS A 42 -2.43 14.49 7.96
CA HIS A 42 -2.80 13.65 9.09
C HIS A 42 -4.27 13.24 9.01
N ASP A 43 -4.53 11.99 9.42
CA ASP A 43 -5.87 11.43 9.45
C ASP A 43 -6.64 11.95 10.69
N ILE A 44 -7.93 12.23 10.51
CA ILE A 44 -8.74 12.87 11.54
C ILE A 44 -9.26 11.85 12.55
N SER A 45 -9.27 10.55 12.21
CA SER A 45 -9.63 9.51 13.17
C SER A 45 -8.45 8.54 13.34
N PRO A 46 -7.33 8.99 13.92
CA PRO A 46 -6.13 8.17 13.92
C PRO A 46 -6.29 6.84 14.66
N GLN A 47 -5.70 5.78 14.08
CA GLN A 47 -5.79 4.43 14.63
C GLN A 47 -4.44 4.01 15.21
N ALA A 48 -3.46 4.93 15.20
CA ALA A 48 -2.14 4.73 15.76
C ALA A 48 -1.65 6.09 16.23
N PRO A 49 -0.59 6.17 17.08
CA PRO A 49 -0.05 7.46 17.49
C PRO A 49 0.28 8.42 16.35
N THR A 50 0.85 7.90 15.25
CA THR A 50 0.94 8.59 13.96
C THR A 50 0.07 7.85 12.95
N HIS A 51 -0.79 8.59 12.25
CA HIS A 51 -1.64 8.01 11.23
C HIS A 51 -1.93 9.10 10.20
N PHE A 52 -1.34 8.96 9.00
CA PHE A 52 -1.55 9.97 7.97
C PHE A 52 -1.92 9.29 6.66
N LEU A 53 -2.27 10.12 5.68
CA LEU A 53 -2.77 9.69 4.40
C LEU A 53 -1.89 10.29 3.32
N VAL A 54 -1.58 9.53 2.28
CA VAL A 54 -1.00 10.07 1.07
C VAL A 54 -1.99 9.85 -0.08
N ILE A 55 -2.33 10.93 -0.78
CA ILE A 55 -3.32 10.86 -1.82
C ILE A 55 -2.76 11.50 -3.09
N PRO A 56 -3.18 10.99 -4.26
CA PRO A 56 -2.85 11.65 -5.51
C PRO A 56 -3.65 12.94 -5.67
N LYS A 57 -3.10 13.93 -6.37
CA LYS A 57 -3.92 15.09 -6.74
C LYS A 57 -4.91 14.75 -7.86
N LYS A 58 -4.51 13.89 -8.79
CA LYS A 58 -5.39 13.31 -9.79
C LYS A 58 -6.44 12.44 -9.10
N HIS A 59 -7.72 12.66 -9.43
CA HIS A 59 -8.80 11.89 -8.85
C HIS A 59 -8.85 10.53 -9.55
N ILE A 60 -8.45 9.49 -8.80
CA ILE A 60 -8.68 8.09 -9.08
C ILE A 60 -9.57 7.64 -7.93
N SER A 61 -10.73 7.07 -8.24
CA SER A 61 -11.71 6.82 -7.19
C SER A 61 -11.26 5.68 -6.26
N GLN A 62 -10.61 4.65 -6.82
CA GLN A 62 -10.25 3.43 -6.09
C GLN A 62 -9.15 2.70 -6.86
N ILE A 63 -8.36 1.88 -6.15
CA ILE A 63 -7.24 1.21 -6.78
C ILE A 63 -7.74 0.26 -7.88
N SER A 64 -8.95 -0.31 -7.71
CA SER A 64 -9.47 -1.25 -8.71
C SER A 64 -9.67 -0.61 -10.09
N VAL A 65 -9.80 0.71 -10.20
CA VAL A 65 -9.98 1.35 -11.49
C VAL A 65 -8.74 2.12 -11.95
N ALA A 66 -7.61 2.01 -11.23
CA ALA A 66 -6.37 2.63 -11.65
C ALA A 66 -5.98 2.16 -13.05
N GLU A 67 -5.44 3.10 -13.85
CA GLU A 67 -5.00 2.83 -15.20
C GLU A 67 -3.56 2.33 -15.16
N ASP A 68 -3.15 1.59 -16.21
CA ASP A 68 -1.79 1.10 -16.29
C ASP A 68 -0.80 2.24 -16.18
N ASP A 69 -1.15 3.40 -16.73
CA ASP A 69 -0.19 4.48 -16.74
C ASP A 69 -0.28 5.31 -15.45
N ASP A 70 -1.01 4.81 -14.43
CA ASP A 70 -1.01 5.38 -13.09
C ASP A 70 0.05 4.73 -12.21
N GLU A 71 0.83 3.80 -12.78
CA GLU A 71 1.85 3.06 -12.05
C GLU A 71 2.82 3.98 -11.31
N SER A 72 3.43 4.92 -12.01
CA SER A 72 4.48 5.72 -11.41
C SER A 72 3.89 6.63 -10.30
N LEU A 73 2.66 7.12 -10.51
CA LEU A 73 1.93 7.91 -9.52
C LEU A 73 1.67 7.09 -8.24
N LEU A 74 1.23 5.84 -8.39
CA LEU A 74 0.97 4.98 -7.23
C LEU A 74 2.27 4.68 -6.47
N GLY A 75 3.38 4.46 -7.21
CA GLY A 75 4.69 4.31 -6.62
C GLY A 75 5.14 5.55 -5.84
N HIS A 76 4.89 6.73 -6.42
CA HIS A 76 5.17 7.99 -5.80
C HIS A 76 4.45 8.11 -4.47
N LEU A 77 3.19 7.61 -4.36
CA LEU A 77 2.48 7.65 -3.09
C LEU A 77 3.28 6.93 -2.00
N MET A 78 3.88 5.80 -2.36
N MET A 78 3.83 5.76 -2.34
CA MET A 78 4.57 4.97 -1.41
CA MET A 78 4.60 4.95 -1.40
C MET A 78 5.95 5.55 -1.07
C MET A 78 5.93 5.62 -1.05
N ILE A 79 6.65 6.13 -2.06
CA ILE A 79 7.92 6.83 -1.82
C ILE A 79 7.69 8.04 -0.90
N VAL A 80 6.64 8.82 -1.17
CA VAL A 80 6.34 9.97 -0.34
C VAL A 80 5.93 9.50 1.05
N GLY A 81 5.15 8.42 1.11
CA GLY A 81 4.77 7.86 2.39
C GLY A 81 5.99 7.50 3.25
N LYS A 82 6.96 6.84 2.63
CA LYS A 82 8.12 6.37 3.37
C LYS A 82 9.00 7.56 3.75
N LYS A 83 9.13 8.56 2.88
CA LYS A 83 9.88 9.76 3.24
C LYS A 83 9.22 10.48 4.40
N CYS A 84 7.88 10.60 4.37
CA CYS A 84 7.19 11.33 5.41
C CYS A 84 7.32 10.59 6.75
N ALA A 85 7.24 9.26 6.71
CA ALA A 85 7.37 8.45 7.91
C ALA A 85 8.73 8.72 8.56
N ALA A 86 9.77 8.71 7.75
CA ALA A 86 11.12 9.04 8.24
C ALA A 86 11.17 10.46 8.83
N ASP A 87 10.59 11.45 8.14
CA ASP A 87 10.67 12.83 8.62
C ASP A 87 9.89 13.02 9.91
N LEU A 88 8.86 12.19 10.14
CA LEU A 88 8.10 12.22 11.39
C LEU A 88 8.78 11.35 12.45
N GLY A 89 9.89 10.69 12.15
CA GLY A 89 10.60 9.95 13.19
C GLY A 89 10.00 8.58 13.52
N LEU A 90 9.36 7.94 12.54
CA LEU A 90 8.87 6.57 12.72
C LEU A 90 10.00 5.55 12.51
N ASN A 91 10.97 5.57 13.45
N ASN A 91 10.98 5.55 13.42
CA ASN A 91 12.22 4.84 13.33
CA ASN A 91 12.23 4.82 13.24
C ASN A 91 12.01 3.33 13.47
C ASN A 91 12.08 3.33 13.57
N LYS A 92 10.99 2.93 14.24
CA LYS A 92 10.76 1.52 14.54
C LYS A 92 9.88 0.85 13.47
N GLY A 93 9.38 1.63 12.51
CA GLY A 93 8.64 1.10 11.37
C GLY A 93 7.21 1.62 11.36
N TYR A 94 6.42 1.04 10.44
CA TYR A 94 5.07 1.48 10.12
C TYR A 94 4.37 0.47 9.21
N ARG A 95 3.07 0.68 9.02
CA ARG A 95 2.26 -0.09 8.11
C ARG A 95 1.61 0.86 7.11
N MET A 96 1.65 0.48 5.84
CA MET A 96 0.98 1.19 4.76
C MET A 96 -0.23 0.36 4.34
N VAL A 97 -1.40 1.00 4.14
CA VAL A 97 -2.63 0.30 3.80
C VAL A 97 -3.39 1.02 2.69
N VAL A 98 -3.86 0.27 1.69
CA VAL A 98 -4.85 0.79 0.74
C VAL A 98 -6.10 -0.07 0.88
N ASN A 99 -7.25 0.58 1.07
CA ASN A 99 -8.52 -0.11 1.20
C ASN A 99 -9.26 -0.04 -0.12
N GLU A 100 -9.80 -1.17 -0.59
CA GLU A 100 -10.62 -1.18 -1.80
C GLU A 100 -12.02 -1.68 -1.45
N GLY A 101 -13.03 -0.88 -1.78
CA GLY A 101 -14.40 -1.39 -1.78
C GLY A 101 -14.88 -1.66 -0.37
N SER A 102 -15.96 -2.44 -0.30
CA SER A 102 -16.74 -2.62 0.90
C SER A 102 -16.02 -3.57 1.86
N ASP A 103 -15.57 -4.72 1.36
CA ASP A 103 -14.76 -5.65 2.15
C ASP A 103 -13.44 -5.02 2.65
N GLY A 104 -12.90 -4.06 1.90
CA GLY A 104 -11.62 -3.46 2.23
C GLY A 104 -11.80 -2.34 3.25
N GLY A 105 -13.06 -1.92 3.42
CA GLY A 105 -13.40 -0.86 4.34
C GLY A 105 -13.09 0.53 3.77
N GLN A 106 -13.19 0.73 2.46
CA GLN A 106 -12.85 2.02 1.89
C GLN A 106 -13.92 3.04 2.31
N SER A 107 -13.50 4.17 2.90
CA SER A 107 -14.40 5.17 3.45
C SER A 107 -14.64 6.35 2.50
N VAL A 108 -13.66 6.68 1.63
CA VAL A 108 -13.73 7.77 0.69
C VAL A 108 -13.26 7.26 -0.66
N TYR A 109 -14.02 7.55 -1.73
CA TYR A 109 -13.72 7.05 -3.07
C TYR A 109 -12.77 8.02 -3.78
N HIS A 110 -11.61 8.21 -3.16
CA HIS A 110 -10.46 8.85 -3.78
C HIS A 110 -9.29 8.06 -3.18
N VAL A 111 -8.46 7.49 -4.04
CA VAL A 111 -7.39 6.60 -3.61
C VAL A 111 -6.58 7.24 -2.50
N HIS A 112 -6.25 6.49 -1.45
CA HIS A 112 -5.47 7.04 -0.35
C HIS A 112 -4.65 5.91 0.27
N LEU A 113 -3.35 6.21 0.52
CA LEU A 113 -2.45 5.33 1.22
C LEU A 113 -2.45 5.75 2.69
N HIS A 114 -2.94 4.87 3.57
CA HIS A 114 -2.76 5.05 5.01
C HIS A 114 -1.33 4.69 5.41
N VAL A 115 -0.75 5.49 6.31
CA VAL A 115 0.54 5.18 6.90
C VAL A 115 0.37 5.29 8.41
N LEU A 116 0.61 4.16 9.12
CA LEU A 116 0.37 4.06 10.56
C LEU A 116 1.63 3.60 11.30
N GLY A 117 1.94 4.24 12.41
CA GLY A 117 3.07 3.84 13.24
C GLY A 117 3.06 4.53 14.60
N GLY A 118 4.19 4.40 15.33
CA GLY A 118 4.35 4.88 16.69
C GLY A 118 3.80 3.89 17.72
N ARG A 119 3.39 2.71 17.24
CA ARG A 119 3.03 1.61 18.12
C ARG A 119 3.25 0.31 17.36
N GLN A 120 3.25 -0.80 18.13
CA GLN A 120 3.26 -2.13 17.52
C GLN A 120 1.95 -2.34 16.76
N MET A 121 2.08 -2.63 15.47
CA MET A 121 0.95 -3.05 14.66
C MET A 121 0.79 -4.58 14.73
N HIS A 122 -0.46 -5.05 14.69
CA HIS A 122 -0.77 -6.44 14.95
C HIS A 122 -1.12 -7.14 13.64
N TRP A 123 -1.24 -8.48 13.74
CA TRP A 123 -1.59 -9.35 12.63
C TRP A 123 -2.76 -10.24 13.05
N PRO A 124 -3.81 -10.45 12.22
CA PRO A 124 -3.91 -9.91 10.86
C PRO A 124 -4.14 -8.41 10.79
N PRO A 125 -3.94 -7.76 9.61
CA PRO A 125 -4.18 -6.32 9.45
C PRO A 125 -5.68 -5.98 9.28
N GLY A 126 -6.46 -6.25 10.35
CA GLY A 126 -7.91 -6.26 10.31
C GLY A 126 -8.43 -7.56 9.71
N ASP B 16 20.08 -13.09 1.66
CA ASP B 16 19.01 -13.76 0.86
C ASP B 16 17.81 -14.03 1.76
N THR B 17 16.63 -14.18 1.18
CA THR B 17 15.48 -14.52 2.01
C THR B 17 14.74 -15.69 1.38
N ILE B 18 13.75 -16.19 2.11
CA ILE B 18 12.89 -17.22 1.58
C ILE B 18 12.22 -16.71 0.28
N PHE B 19 11.98 -15.40 0.15
CA PHE B 19 11.33 -14.88 -1.03
C PHE B 19 12.29 -14.94 -2.22
N GLY B 20 13.59 -14.81 -1.97
CA GLY B 20 14.59 -14.98 -3.02
C GLY B 20 14.57 -16.41 -3.55
N LYS B 21 14.41 -17.36 -2.63
CA LYS B 21 14.29 -18.77 -2.95
C LYS B 21 13.07 -19.01 -3.82
N ILE B 22 11.98 -18.32 -3.50
CA ILE B 22 10.75 -18.47 -4.26
C ILE B 22 10.94 -17.91 -5.67
N ILE B 23 11.54 -16.72 -5.80
CA ILE B 23 11.80 -16.12 -7.11
C ILE B 23 12.69 -17.04 -7.96
N ARG B 24 13.69 -17.67 -7.32
CA ARG B 24 14.65 -18.52 -8.01
C ARG B 24 14.07 -19.90 -8.29
N LYS B 25 12.84 -20.13 -7.81
CA LYS B 25 12.09 -21.37 -8.04
C LYS B 25 12.76 -22.56 -7.34
N GLU B 26 13.52 -22.27 -6.26
CA GLU B 26 14.16 -23.29 -5.44
C GLU B 26 13.20 -23.94 -4.45
N ILE B 27 12.10 -23.28 -4.07
CA ILE B 27 11.12 -23.90 -3.20
C ILE B 27 9.75 -23.71 -3.83
N PRO B 28 8.75 -24.58 -3.51
CA PRO B 28 7.40 -24.41 -4.04
C PRO B 28 6.67 -23.17 -3.53
N ALA B 29 5.89 -22.58 -4.41
CA ALA B 29 4.87 -21.59 -4.07
C ALA B 29 3.79 -21.69 -5.14
N LYS B 30 2.57 -21.33 -4.76
CA LYS B 30 1.45 -21.33 -5.69
C LYS B 30 1.43 -19.95 -6.36
N ILE B 31 2.07 -19.91 -7.54
CA ILE B 31 2.28 -18.69 -8.30
C ILE B 31 1.02 -18.35 -9.06
N ILE B 32 0.62 -17.09 -8.95
CA ILE B 32 -0.61 -16.59 -9.53
C ILE B 32 -0.25 -15.85 -10.83
N PHE B 33 0.86 -15.12 -10.81
CA PHE B 33 1.27 -14.30 -11.94
C PHE B 33 2.76 -14.04 -11.85
N GLU B 34 3.42 -13.97 -13.00
CA GLU B 34 4.83 -13.62 -13.07
C GLU B 34 5.06 -12.75 -14.28
N ASP B 35 5.98 -11.78 -14.17
CA ASP B 35 6.50 -11.11 -15.34
C ASP B 35 8.00 -10.98 -15.15
N ASP B 36 8.57 -10.05 -15.90
CA ASP B 36 10.01 -9.90 -15.89
C ASP B 36 10.51 -9.17 -14.65
N ARG B 37 9.62 -8.56 -13.83
CA ARG B 37 10.10 -7.72 -12.73
C ARG B 37 9.38 -8.00 -11.41
N CYS B 38 8.37 -8.88 -11.41
CA CYS B 38 7.65 -9.16 -10.19
C CYS B 38 7.04 -10.55 -10.24
N LEU B 39 6.60 -11.02 -9.07
CA LEU B 39 6.01 -12.33 -8.87
C LEU B 39 4.87 -12.19 -7.90
N ALA B 40 3.71 -12.79 -8.21
CA ALA B 40 2.61 -12.87 -7.26
C ALA B 40 2.30 -14.32 -6.92
N PHE B 41 2.08 -14.59 -5.61
CA PHE B 41 1.86 -15.95 -5.14
C PHE B 41 1.06 -15.95 -3.84
N HIS B 42 0.37 -17.07 -3.60
CA HIS B 42 -0.45 -17.19 -2.40
C HIS B 42 0.44 -17.20 -1.17
N ASP B 43 -0.04 -16.57 -0.10
CA ASP B 43 0.71 -16.51 1.15
C ASP B 43 0.57 -17.87 1.85
N ILE B 44 1.68 -18.37 2.38
CA ILE B 44 1.65 -19.69 3.03
C ILE B 44 0.89 -19.69 4.36
N SER B 45 0.65 -18.50 4.92
N SER B 45 0.70 -18.52 4.99
CA SER B 45 -0.03 -18.37 6.21
CA SER B 45 -0.10 -18.44 6.21
C SER B 45 -1.21 -17.41 6.04
C SER B 45 -1.19 -17.41 6.01
N PRO B 46 -2.24 -17.76 5.26
CA PRO B 46 -3.24 -16.79 4.84
C PRO B 46 -4.09 -16.31 6.00
N GLN B 47 -4.41 -15.03 5.99
CA GLN B 47 -5.22 -14.41 7.03
C GLN B 47 -6.60 -14.00 6.51
N ALA B 48 -6.94 -14.46 5.31
CA ALA B 48 -8.27 -14.24 4.74
C ALA B 48 -8.48 -15.35 3.73
N PRO B 49 -9.71 -15.57 3.22
CA PRO B 49 -9.95 -16.60 2.21
C PRO B 49 -9.04 -16.45 1.00
N THR B 50 -8.82 -15.20 0.56
CA THR B 50 -7.77 -14.91 -0.40
C THR B 50 -6.70 -14.03 0.27
N HIS B 51 -5.45 -14.48 0.19
CA HIS B 51 -4.33 -13.76 0.77
C HIS B 51 -3.08 -14.08 -0.03
N PHE B 52 -2.66 -13.13 -0.87
CA PHE B 52 -1.49 -13.30 -1.72
C PHE B 52 -0.53 -12.14 -1.56
N LEU B 53 0.69 -12.35 -2.07
CA LEU B 53 1.77 -11.38 -2.04
C LEU B 53 2.16 -11.06 -3.48
N VAL B 54 2.62 -9.82 -3.68
CA VAL B 54 3.22 -9.36 -4.93
C VAL B 54 4.57 -8.79 -4.54
N ILE B 55 5.63 -9.33 -5.14
CA ILE B 55 6.97 -8.95 -4.71
C ILE B 55 7.76 -8.55 -5.95
N PRO B 56 8.73 -7.61 -5.84
CA PRO B 56 9.67 -7.34 -6.93
C PRO B 56 10.73 -8.43 -7.03
N LYS B 57 11.22 -8.70 -8.24
CA LYS B 57 12.32 -9.62 -8.38
C LYS B 57 13.61 -8.93 -7.92
N LYS B 58 13.68 -7.61 -8.01
CA LYS B 58 14.81 -6.87 -7.46
C LYS B 58 14.75 -6.94 -5.94
N HIS B 59 15.90 -7.12 -5.31
CA HIS B 59 15.97 -7.34 -3.88
C HIS B 59 16.00 -5.98 -3.17
N ILE B 60 14.82 -5.41 -2.92
CA ILE B 60 14.64 -4.25 -2.05
C ILE B 60 14.29 -4.81 -0.69
N SER B 61 15.12 -4.55 0.32
CA SER B 61 14.97 -5.21 1.61
C SER B 61 13.73 -4.70 2.35
N GLN B 62 13.43 -3.41 2.22
CA GLN B 62 12.32 -2.81 2.95
C GLN B 62 11.95 -1.51 2.27
N ILE B 63 10.69 -1.08 2.41
CA ILE B 63 10.22 0.07 1.66
C ILE B 63 11.00 1.30 2.14
N SER B 64 11.46 1.31 3.40
CA SER B 64 12.19 2.47 3.90
C SER B 64 13.47 2.74 3.09
N VAL B 65 14.02 1.72 2.42
CA VAL B 65 15.27 1.90 1.69
C VAL B 65 15.03 1.86 0.17
N ALA B 66 13.77 1.87 -0.30
CA ALA B 66 13.50 2.00 -1.72
C ALA B 66 14.02 3.33 -2.27
N GLU B 67 14.44 3.34 -3.54
CA GLU B 67 15.02 4.54 -4.15
C GLU B 67 13.95 5.23 -5.00
N ASP B 68 14.19 6.50 -5.32
CA ASP B 68 13.29 7.26 -6.17
C ASP B 68 13.05 6.53 -7.50
N ASP B 69 14.11 5.93 -8.07
N ASP B 69 14.12 5.97 -8.07
CA ASP B 69 14.04 5.28 -9.36
CA ASP B 69 14.07 5.28 -9.36
C ASP B 69 13.25 3.96 -9.28
C ASP B 69 13.19 4.02 -9.29
N ASP B 70 12.83 3.58 -8.07
CA ASP B 70 12.03 2.37 -7.86
C ASP B 70 10.52 2.65 -7.90
N GLU B 71 10.13 3.93 -7.99
CA GLU B 71 8.74 4.33 -7.98
C GLU B 71 7.84 3.52 -8.92
N SER B 72 8.20 3.46 -10.21
CA SER B 72 7.42 2.73 -11.20
C SER B 72 7.25 1.28 -10.80
N LEU B 73 8.34 0.66 -10.36
CA LEU B 73 8.32 -0.74 -9.93
C LEU B 73 7.34 -0.96 -8.76
N LEU B 74 7.37 -0.06 -7.78
CA LEU B 74 6.49 -0.20 -6.63
C LEU B 74 5.05 -0.02 -7.06
N GLY B 75 4.82 0.93 -7.96
CA GLY B 75 3.50 1.12 -8.56
C GLY B 75 3.04 -0.12 -9.32
N HIS B 76 3.99 -0.74 -10.04
CA HIS B 76 3.71 -1.97 -10.77
C HIS B 76 3.22 -3.07 -9.83
N LEU B 77 3.79 -3.19 -8.62
CA LEU B 77 3.31 -4.18 -7.67
C LEU B 77 1.80 -3.98 -7.38
N MET B 78 1.37 -2.72 -7.25
N MET B 78 1.37 -2.72 -7.20
CA MET B 78 -0.01 -2.45 -6.90
CA MET B 78 -0.02 -2.45 -6.91
C MET B 78 -0.93 -2.70 -8.10
C MET B 78 -0.91 -2.77 -8.11
N ILE B 79 -0.50 -2.37 -9.32
CA ILE B 79 -1.30 -2.61 -10.52
C ILE B 79 -1.45 -4.12 -10.74
N VAL B 80 -0.33 -4.85 -10.63
CA VAL B 80 -0.40 -6.31 -10.67
C VAL B 80 -1.30 -6.82 -9.54
N GLY B 81 -1.21 -6.26 -8.34
CA GLY B 81 -2.03 -6.78 -7.26
C GLY B 81 -3.53 -6.61 -7.58
N LYS B 82 -3.89 -5.44 -8.12
CA LYS B 82 -5.28 -5.14 -8.39
C LYS B 82 -5.81 -5.99 -9.55
N LYS B 83 -4.99 -6.25 -10.58
CA LYS B 83 -5.40 -7.15 -11.65
C LYS B 83 -5.56 -8.58 -11.17
N CYS B 84 -4.64 -9.10 -10.35
CA CYS B 84 -4.77 -10.44 -9.79
C CYS B 84 -6.01 -10.56 -8.91
N ALA B 85 -6.30 -9.52 -8.12
CA ALA B 85 -7.46 -9.53 -7.25
C ALA B 85 -8.74 -9.67 -8.09
N ALA B 86 -8.83 -8.92 -9.19
CA ALA B 86 -10.00 -9.04 -10.05
C ALA B 86 -10.09 -10.45 -10.62
N ASP B 87 -8.97 -10.99 -11.11
CA ASP B 87 -8.90 -12.32 -11.70
C ASP B 87 -9.21 -13.43 -10.68
N LEU B 88 -8.98 -13.18 -9.39
CA LEU B 88 -9.31 -14.15 -8.36
C LEU B 88 -10.73 -13.95 -7.85
N GLY B 89 -11.49 -13.02 -8.48
CA GLY B 89 -12.90 -12.85 -8.16
C GLY B 89 -13.18 -12.02 -6.90
N LEU B 90 -12.27 -11.11 -6.52
CA LEU B 90 -12.45 -10.28 -5.34
C LEU B 90 -13.29 -9.02 -5.64
N ASN B 91 -14.54 -9.23 -6.02
CA ASN B 91 -15.40 -8.16 -6.51
C ASN B 91 -16.05 -7.33 -5.41
N LYS B 92 -16.07 -7.80 -4.15
CA LYS B 92 -16.58 -7.02 -3.03
C LYS B 92 -15.48 -6.16 -2.38
N GLY B 93 -14.23 -6.30 -2.85
CA GLY B 93 -13.14 -5.46 -2.40
C GLY B 93 -12.05 -6.26 -1.69
N TYR B 94 -11.05 -5.50 -1.18
CA TYR B 94 -9.85 -6.09 -0.63
C TYR B 94 -9.02 -5.02 0.08
N ARG B 95 -7.95 -5.47 0.75
CA ARG B 95 -7.02 -4.60 1.42
C ARG B 95 -5.60 -4.92 0.98
N MET B 96 -4.83 -3.87 0.70
CA MET B 96 -3.42 -3.98 0.33
C MET B 96 -2.56 -3.47 1.48
N VAL B 97 -1.48 -4.17 1.81
CA VAL B 97 -0.68 -3.83 3.00
C VAL B 97 0.80 -3.97 2.67
N VAL B 98 1.60 -3.00 3.10
CA VAL B 98 3.05 -3.11 3.15
C VAL B 98 3.47 -2.84 4.58
N ASN B 99 4.24 -3.78 5.15
CA ASN B 99 4.81 -3.69 6.49
C ASN B 99 6.27 -3.25 6.41
N GLU B 100 6.66 -2.33 7.29
CA GLU B 100 8.04 -1.91 7.43
C GLU B 100 8.49 -2.06 8.87
N GLY B 101 9.61 -2.76 9.06
CA GLY B 101 10.29 -2.76 10.34
C GLY B 101 9.51 -3.55 11.40
N SER B 102 9.97 -3.41 12.65
CA SER B 102 9.43 -4.20 13.73
C SER B 102 8.00 -3.79 14.10
N ASP B 103 7.73 -2.48 14.22
CA ASP B 103 6.39 -1.99 14.53
C ASP B 103 5.39 -2.31 13.41
N GLY B 104 5.85 -2.28 12.15
CA GLY B 104 5.00 -2.67 11.03
C GLY B 104 4.73 -4.16 10.95
N GLY B 105 5.53 -4.96 11.65
CA GLY B 105 5.38 -6.42 11.60
C GLY B 105 5.92 -7.03 10.31
N GLN B 106 7.00 -6.46 9.78
CA GLN B 106 7.52 -6.97 8.53
C GLN B 106 8.20 -8.31 8.79
N SER B 107 7.72 -9.38 8.15
CA SER B 107 8.14 -10.73 8.52
C SER B 107 9.35 -11.22 7.72
N VAL B 108 9.60 -10.62 6.53
CA VAL B 108 10.64 -11.02 5.59
C VAL B 108 11.24 -9.73 5.03
N TYR B 109 12.58 -9.64 5.07
CA TYR B 109 13.26 -8.44 4.60
C TYR B 109 13.42 -8.53 3.07
N HIS B 110 12.29 -8.62 2.38
CA HIS B 110 12.20 -8.46 0.93
C HIS B 110 10.83 -7.80 0.74
N VAL B 111 10.81 -6.61 0.12
CA VAL B 111 9.59 -5.83 0.01
C VAL B 111 8.48 -6.70 -0.55
N HIS B 112 7.29 -6.65 0.08
CA HIS B 112 6.18 -7.42 -0.39
C HIS B 112 4.88 -6.67 -0.12
N LEU B 113 3.99 -6.75 -1.11
CA LEU B 113 2.65 -6.17 -1.01
C LEU B 113 1.67 -7.30 -0.71
N HIS B 114 1.02 -7.24 0.45
CA HIS B 114 -0.06 -8.18 0.76
C HIS B 114 -1.35 -7.74 0.08
N VAL B 115 -2.16 -8.71 -0.35
CA VAL B 115 -3.49 -8.43 -0.85
C VAL B 115 -4.44 -9.45 -0.22
N LEU B 116 -5.41 -8.96 0.57
CA LEU B 116 -6.28 -9.80 1.36
C LEU B 116 -7.72 -9.47 1.00
N GLY B 117 -8.53 -10.52 0.77
CA GLY B 117 -9.96 -10.34 0.59
C GLY B 117 -10.73 -11.64 0.79
N GLY B 118 -12.01 -11.60 0.35
CA GLY B 118 -12.92 -12.72 0.52
C GLY B 118 -13.62 -12.72 1.89
N ARG B 119 -13.39 -11.69 2.69
CA ARG B 119 -14.05 -11.51 3.97
C ARG B 119 -14.01 -10.01 4.27
N GLN B 120 -14.85 -9.60 5.22
CA GLN B 120 -14.83 -8.24 5.71
C GLN B 120 -13.50 -8.00 6.44
N MET B 121 -12.79 -6.97 5.99
CA MET B 121 -11.60 -6.55 6.69
C MET B 121 -12.01 -5.51 7.72
N HIS B 122 -11.36 -5.50 8.89
CA HIS B 122 -11.78 -4.66 10.00
C HIS B 122 -10.85 -3.46 10.19
N TRP B 123 -11.32 -2.53 11.02
CA TRP B 123 -10.58 -1.35 11.43
C TRP B 123 -10.45 -1.31 12.95
N PRO B 124 -9.27 -1.05 13.56
CA PRO B 124 -8.09 -0.69 12.80
C PRO B 124 -7.43 -1.87 12.06
N PRO B 125 -6.46 -1.60 11.16
CA PRO B 125 -5.80 -2.64 10.37
C PRO B 125 -4.61 -3.22 11.10
N GLY B 126 -4.91 -3.85 12.23
CA GLY B 126 -3.91 -4.25 13.21
C GLY B 126 -3.54 -3.10 14.12
C10 A1IQV C . -15.25 10.62 7.99
C20 A1IQV C . -12.17 16.62 7.23
C21 A1IQV C . -13.48 17.09 7.23
C11 A1IQV C . -12.67 12.90 6.78
C13 A1IQV C . -10.34 13.29 6.92
C14 A1IQV C . -9.03 12.71 6.91
C18 A1IQV C . -10.54 14.66 7.08
C23 A1IQV C . -14.32 14.82 6.94
C24 A1IQV C . -12.98 14.32 6.94
C22 A1IQV C . -14.56 16.19 7.09
C19 A1IQV C . -11.92 15.21 7.09
C15 A1IQV C . -7.95 13.56 7.06
C16 A1IQV C . -8.14 14.95 7.19
C17 A1IQV C . -9.40 15.52 7.20
O01 A1IQV C . -17.30 6.41 6.99
N02 A1IQV C . -16.28 7.37 6.91
C03 A1IQV C . -16.61 8.79 6.96
O04 A1IQV C . -17.74 9.13 7.06
C05 A1IQV C . -15.54 9.86 6.87
C06 A1IQV C . -14.88 10.13 5.66
C07 A1IQV C . -13.91 11.14 5.59
C08 A1IQV C . -13.64 11.91 6.71
C09 A1IQV C . -14.30 11.63 7.91
N12 A1IQV C . -11.42 12.46 6.79
S SO4 D . -10.44 7.63 7.35
O1 SO4 D . -10.93 8.66 8.21
O2 SO4 D . -11.37 6.59 7.11
O3 SO4 D . -10.15 8.27 6.08
O4 SO4 D . -9.28 7.00 7.95
S SO4 E . 3.65 -12.91 6.08
O1 SO4 E . 3.78 -11.64 6.80
O2 SO4 E . 2.26 -13.16 5.74
O3 SO4 E . 4.42 -12.91 4.83
O4 SO4 E . 4.13 -13.96 6.95
#